data_4WRP
#
_entry.id   4WRP
#
_cell.length_a   43.352
_cell.length_b   60.714
_cell.length_c   57.523
_cell.angle_alpha   90.000
_cell.angle_beta   104.610
_cell.angle_gamma   90.000
#
_symmetry.space_group_name_H-M   'P 1 21 1'
#
loop_
_entity.id
_entity.type
_entity.pdbx_description
1 polymer 'Uncharacterized protein'
2 water water
#
_entity_poly.entity_id   1
_entity_poly.type   'polypeptide(L)'
_entity_poly.pdbx_seq_one_letter_code
;TIPGNFAAYHELWRNAFQEI(MSE)NDPRHQLHRNDVEYKKIHAIRTVLDDYTKGGNTWWAKFRRIFTFHWNRHHVKVVD
DIVKEIDAGNYTTSRALVDRLDNLAISLGSKLNPKGTLKEQIGFIK
;
_entity_poly.pdbx_strand_id   A,B
#
# COMPACT_ATOMS: atom_id res chain seq x y z
N THR A 1 2.52 -21.11 21.80
CA THR A 1 3.80 -20.98 21.02
C THR A 1 4.29 -19.55 20.72
N ILE A 2 5.57 -19.48 20.42
CA ILE A 2 6.31 -18.23 20.37
C ILE A 2 6.57 -17.87 18.93
N PRO A 3 6.04 -16.72 18.46
CA PRO A 3 6.31 -16.35 17.08
C PRO A 3 7.81 -16.05 16.79
N GLY A 4 8.34 -16.70 15.74
CA GLY A 4 9.75 -16.72 15.40
C GLY A 4 10.19 -15.73 14.37
N ASN A 5 9.29 -14.82 13.96
CA ASN A 5 9.58 -13.72 13.01
C ASN A 5 8.39 -12.76 13.06
N PHE A 6 8.57 -11.61 12.43
CA PHE A 6 7.59 -10.57 12.50
C PHE A 6 6.25 -10.97 11.86
N ALA A 7 6.29 -11.67 10.74
CA ALA A 7 5.03 -12.10 10.09
C ALA A 7 4.26 -13.06 10.98
N ALA A 8 4.95 -13.95 11.68
CA ALA A 8 4.28 -14.89 12.60
C ALA A 8 3.68 -14.14 13.78
N TYR A 9 4.37 -13.13 14.31
CA TYR A 9 3.74 -12.28 15.34
C TYR A 9 2.44 -11.60 14.79
N HIS A 10 2.52 -11.11 13.56
CA HIS A 10 1.38 -10.45 12.94
C HIS A 10 0.23 -11.39 12.72
N GLU A 11 0.48 -12.64 12.37
N GLU A 11 0.50 -12.63 12.39
CA GLU A 11 -0.64 -13.59 12.25
CA GLU A 11 -0.59 -13.63 12.23
C GLU A 11 -1.37 -13.78 13.61
C GLU A 11 -1.34 -13.88 13.57
N LEU A 12 -0.61 -13.91 14.69
CA LEU A 12 -1.23 -14.01 16.02
C LEU A 12 -2.01 -12.75 16.31
N TRP A 13 -1.42 -11.60 15.99
CA TRP A 13 -2.07 -10.34 16.21
C TRP A 13 -3.39 -10.23 15.43
N ARG A 14 -3.37 -10.72 14.19
N ARG A 14 -3.39 -10.73 14.19
CA ARG A 14 -4.56 -10.67 13.35
CA ARG A 14 -4.56 -10.69 13.36
C ARG A 14 -5.72 -11.46 13.97
C ARG A 14 -5.74 -11.49 13.93
N ASN A 15 -5.41 -12.65 14.48
CA ASN A 15 -6.42 -13.50 15.10
C ASN A 15 -7.01 -12.86 16.33
N ALA A 16 -6.17 -12.18 17.11
CA ALA A 16 -6.63 -11.41 18.27
C ALA A 16 -7.55 -10.28 17.82
N PHE A 17 -7.11 -9.56 16.81
CA PHE A 17 -7.76 -8.38 16.40
C PHE A 17 -9.12 -8.72 15.90
N GLN A 18 -9.25 -9.77 15.08
CA GLN A 18 -10.59 -10.10 14.61
C GLN A 18 -11.50 -10.55 15.75
N GLU A 19 -10.94 -11.22 16.74
CA GLU A 19 -11.76 -11.64 17.88
C GLU A 19 -12.24 -10.40 18.59
N ILE A 20 -11.35 -9.45 18.82
CA ILE A 20 -11.75 -8.19 19.44
C ILE A 20 -12.83 -7.44 18.64
N MSE A 21 -12.66 -7.27 17.32
CA MSE A 21 -13.61 -6.49 16.57
C MSE A 21 -14.97 -7.19 16.46
O MSE A 21 -15.94 -6.52 16.27
CB MSE A 21 -13.15 -6.20 15.14
CG MSE A 21 -11.86 -5.38 15.10
SE MSE A 21 -11.91 -3.87 16.32
CE MSE A 21 -13.60 -2.98 15.94
N ASN A 22 -15.01 -8.51 16.57
CA ASN A 22 -16.25 -9.24 16.58
C ASN A 22 -16.91 -9.30 17.97
N ASP A 23 -16.34 -8.63 18.96
CA ASP A 23 -16.95 -8.56 20.27
C ASP A 23 -18.33 -7.89 20.17
N PRO A 24 -19.35 -8.54 20.75
CA PRO A 24 -20.68 -7.98 20.72
C PRO A 24 -20.78 -6.60 21.41
N ARG A 25 -19.89 -6.31 22.35
CA ARG A 25 -19.89 -4.99 23.00
C ARG A 25 -19.64 -3.81 22.07
N HIS A 26 -19.23 -4.05 20.81
CA HIS A 26 -19.04 -2.93 19.92
C HIS A 26 -20.36 -2.42 19.36
N GLN A 27 -21.39 -3.26 19.37
CA GLN A 27 -22.69 -2.90 18.80
C GLN A 27 -22.52 -2.30 17.40
N LEU A 28 -21.75 -2.98 16.55
CA LEU A 28 -21.57 -2.57 15.17
C LEU A 28 -22.34 -3.50 14.26
N HIS A 29 -22.87 -2.93 13.20
CA HIS A 29 -23.68 -3.65 12.28
C HIS A 29 -23.08 -3.39 10.94
N ARG A 30 -23.19 -4.35 10.05
CA ARG A 30 -22.72 -4.21 8.66
C ARG A 30 -23.17 -2.95 7.93
N ASN A 31 -24.36 -2.43 8.27
CA ASN A 31 -24.94 -1.26 7.63
C ASN A 31 -24.74 -0.01 8.41
N ASP A 32 -23.95 -0.07 9.47
CA ASP A 32 -23.49 1.14 10.14
C ASP A 32 -22.73 2.03 9.17
N VAL A 33 -22.75 3.33 9.40
CA VAL A 33 -21.94 4.18 8.56
C VAL A 33 -20.47 3.82 8.75
N GLU A 34 -19.69 4.06 7.73
CA GLU A 34 -18.31 3.66 7.72
C GLU A 34 -17.53 4.37 8.81
N TYR A 35 -17.84 5.64 9.06
CA TYR A 35 -17.11 6.37 10.12
C TYR A 35 -17.20 5.67 11.48
N LYS A 36 -18.36 5.08 11.77
CA LYS A 36 -18.55 4.42 13.02
C LYS A 36 -17.66 3.17 13.08
N LYS A 37 -17.51 2.46 11.96
CA LYS A 37 -16.63 1.28 11.96
C LYS A 37 -15.14 1.67 12.14
N ILE A 38 -14.70 2.61 11.34
CA ILE A 38 -13.33 3.15 11.40
C ILE A 38 -13.01 3.64 12.77
N HIS A 39 -13.91 4.38 13.41
CA HIS A 39 -13.65 4.85 14.76
C HIS A 39 -13.51 3.75 15.81
N ALA A 40 -14.37 2.73 15.76
CA ALA A 40 -14.25 1.60 16.67
C ALA A 40 -12.91 0.87 16.48
N ILE A 41 -12.50 0.70 15.22
CA ILE A 41 -11.22 0.09 14.93
C ILE A 41 -10.12 0.98 15.44
N ARG A 42 -10.24 2.26 15.19
CA ARG A 42 -9.22 3.21 15.69
C ARG A 42 -9.04 3.12 17.21
N THR A 43 -10.16 3.07 17.91
CA THR A 43 -10.14 2.91 19.37
C THR A 43 -9.35 1.68 19.83
N VAL A 44 -9.63 0.55 19.21
CA VAL A 44 -8.98 -0.68 19.54
C VAL A 44 -7.48 -0.65 19.21
N LEU A 45 -7.14 -0.12 18.06
CA LEU A 45 -5.71 0.03 17.70
C LEU A 45 -5.01 0.98 18.64
N ASP A 46 -5.66 2.08 19.00
CA ASP A 46 -5.00 3.01 19.93
C ASP A 46 -4.73 2.33 21.27
N ASP A 47 -5.71 1.58 21.77
CA ASP A 47 -5.56 0.85 23.01
C ASP A 47 -4.37 -0.10 22.90
N TYR A 48 -4.22 -0.75 21.76
CA TYR A 48 -3.06 -1.63 21.51
C TYR A 48 -1.72 -0.92 21.65
N THR A 49 -1.64 0.31 21.16
CA THR A 49 -0.36 1.03 21.21
C THR A 49 -0.09 1.62 22.59
N LYS A 50 -1.05 1.51 23.51
CA LYS A 50 -0.90 2.07 24.84
C LYS A 50 -0.84 0.94 25.85
N GLY A 51 -0.50 -0.27 25.44
CA GLY A 51 -0.36 -1.38 26.39
C GLY A 51 -1.53 -2.34 26.44
N GLY A 52 -2.63 -2.02 25.78
CA GLY A 52 -3.71 -2.99 25.62
C GLY A 52 -4.61 -3.23 26.82
N ASN A 53 -4.66 -2.26 27.71
CA ASN A 53 -5.38 -2.45 28.95
C ASN A 53 -6.86 -2.44 28.85
N THR A 54 -7.45 -1.84 27.82
CA THR A 54 -8.91 -1.86 27.71
C THR A 54 -9.45 -3.04 26.93
N TRP A 55 -8.91 -3.33 25.76
CA TRP A 55 -9.52 -4.31 24.85
C TRP A 55 -8.70 -5.56 24.65
N TRP A 56 -7.42 -5.52 25.01
CA TRP A 56 -6.47 -6.59 24.70
C TRP A 56 -6.01 -7.41 25.91
N ALA A 57 -6.70 -7.33 27.05
CA ALA A 57 -6.23 -8.03 28.28
C ALA A 57 -6.16 -9.54 28.07
N LYS A 58 -7.15 -10.12 27.39
CA LYS A 58 -7.14 -11.55 27.10
C LYS A 58 -5.86 -12.00 26.38
N PHE A 59 -5.24 -11.09 25.62
CA PHE A 59 -4.08 -11.41 24.81
C PHE A 59 -2.82 -10.76 25.34
N ARG A 60 -2.78 -10.49 26.63
CA ARG A 60 -1.71 -9.72 27.28
C ARG A 60 -0.34 -10.32 27.00
N ARG A 61 -0.32 -11.61 26.73
CA ARG A 61 0.88 -12.35 26.38
C ARG A 61 1.62 -11.78 25.16
N ILE A 62 0.89 -11.29 24.16
CA ILE A 62 1.58 -10.77 22.97
C ILE A 62 2.44 -9.54 23.23
N PHE A 63 2.17 -8.78 24.29
CA PHE A 63 2.94 -7.57 24.56
C PHE A 63 4.34 -7.87 25.07
N THR A 64 4.57 -9.09 25.53
CA THR A 64 5.90 -9.49 25.99
C THR A 64 6.77 -9.99 24.82
N PHE A 65 6.18 -10.38 23.69
CA PHE A 65 6.97 -10.90 22.60
C PHE A 65 7.93 -9.84 22.01
N HIS A 66 9.06 -10.32 21.52
CA HIS A 66 10.10 -9.45 20.98
C HIS A 66 9.56 -8.50 19.90
N TRP A 67 8.68 -9.04 19.05
CA TRP A 67 8.18 -8.32 17.91
C TRP A 67 7.18 -7.24 18.23
N ASN A 68 6.68 -7.24 19.46
CA ASN A 68 5.64 -6.31 19.84
C ASN A 68 6.05 -4.86 19.64
N ARG A 69 7.27 -4.54 20.02
CA ARG A 69 7.70 -3.17 19.97
C ARG A 69 7.59 -2.60 18.57
N HIS A 70 8.12 -3.28 17.57
CA HIS A 70 8.08 -2.75 16.25
C HIS A 70 6.64 -2.83 15.70
N HIS A 71 5.90 -3.86 16.09
CA HIS A 71 4.54 -4.01 15.58
C HIS A 71 3.64 -2.87 16.07
N VAL A 72 3.77 -2.53 17.35
CA VAL A 72 3.15 -1.35 17.94
C VAL A 72 3.55 -0.07 17.19
N LYS A 73 4.84 0.11 16.89
CA LYS A 73 5.27 1.26 16.05
C LYS A 73 4.49 1.31 14.71
N VAL A 74 4.38 0.19 14.00
CA VAL A 74 3.63 0.19 12.74
C VAL A 74 2.15 0.54 12.97
N VAL A 75 1.51 -0.06 13.97
CA VAL A 75 0.07 0.20 14.24
C VAL A 75 -0.10 1.66 14.65
N ASP A 76 0.84 2.20 15.38
CA ASP A 76 0.80 3.63 15.71
C ASP A 76 0.85 4.53 14.45
N ASP A 77 1.65 4.16 13.46
CA ASP A 77 1.65 4.86 12.17
C ASP A 77 0.29 4.69 11.48
N ILE A 78 -0.32 3.51 11.59
CA ILE A 78 -1.65 3.37 10.95
C ILE A 78 -2.70 4.27 11.65
N VAL A 79 -2.69 4.33 12.97
CA VAL A 79 -3.59 5.20 13.70
C VAL A 79 -3.39 6.65 13.24
N LYS A 80 -2.17 7.04 13.04
CA LYS A 80 -1.94 8.36 12.48
C LYS A 80 -2.53 8.51 11.06
N GLU A 81 -2.45 7.47 10.23
CA GLU A 81 -3.06 7.50 8.93
C GLU A 81 -4.57 7.66 9.00
N ILE A 82 -5.19 7.05 10.01
CA ILE A 82 -6.61 7.22 10.27
C ILE A 82 -6.89 8.68 10.62
N ASP A 83 -6.05 9.24 11.47
CA ASP A 83 -6.26 10.60 11.95
C ASP A 83 -6.12 11.56 10.82
N ALA A 84 -5.24 11.23 9.87
CA ALA A 84 -5.00 12.07 8.73
C ALA A 84 -6.07 11.93 7.68
N GLY A 85 -7.04 11.05 7.89
CA GLY A 85 -8.17 10.97 6.97
C GLY A 85 -7.91 10.07 5.78
N ASN A 86 -6.95 9.18 5.84
CA ASN A 86 -6.65 8.31 4.67
C ASN A 86 -7.69 7.23 4.35
N TYR A 87 -8.53 6.87 5.31
CA TYR A 87 -9.49 5.79 5.14
C TYR A 87 -10.90 6.32 5.16
N THR A 88 -11.63 6.01 4.10
CA THR A 88 -13.07 6.30 3.99
C THR A 88 -13.93 5.06 4.16
N THR A 89 -13.37 3.87 4.00
CA THR A 89 -14.06 2.62 4.38
C THR A 89 -13.26 1.80 5.37
N SER A 90 -14.00 1.06 6.20
CA SER A 90 -13.39 0.16 7.13
C SER A 90 -12.72 -1.02 6.41
N ARG A 91 -13.25 -1.38 5.25
CA ARG A 91 -12.62 -2.39 4.41
C ARG A 91 -11.19 -2.07 4.00
N ALA A 92 -10.94 -0.83 3.59
CA ALA A 92 -9.58 -0.42 3.26
C ALA A 92 -8.69 -0.43 4.45
N LEU A 93 -9.20 0.07 5.58
CA LEU A 93 -8.43 0.05 6.84
C LEU A 93 -8.04 -1.37 7.24
N VAL A 94 -8.97 -2.32 7.19
CA VAL A 94 -8.57 -3.65 7.53
C VAL A 94 -7.67 -4.34 6.50
N ASP A 95 -7.74 -3.95 5.23
CA ASP A 95 -6.71 -4.42 4.27
C ASP A 95 -5.33 -3.90 4.65
N ARG A 96 -5.25 -2.65 5.07
CA ARG A 96 -3.97 -2.10 5.52
C ARG A 96 -3.43 -2.93 6.68
N LEU A 97 -4.29 -3.24 7.66
CA LEU A 97 -3.87 -4.01 8.83
C LEU A 97 -3.46 -5.40 8.43
N ASP A 98 -4.19 -5.95 7.50
CA ASP A 98 -3.95 -7.33 7.08
C ASP A 98 -2.56 -7.47 6.54
N ASN A 99 -2.15 -6.49 5.74
CA ASN A 99 -0.93 -6.55 4.94
C ASN A 99 0.27 -5.79 5.53
N LEU A 100 0.22 -5.42 6.80
CA LEU A 100 1.23 -4.52 7.33
C LEU A 100 2.58 -5.22 7.48
N ALA A 101 2.60 -6.54 7.47
CA ALA A 101 3.86 -7.23 7.69
C ALA A 101 4.60 -7.56 6.40
N ILE A 102 4.01 -7.34 5.26
CA ILE A 102 4.69 -7.73 4.04
C ILE A 102 5.50 -6.58 3.46
N SER A 103 6.52 -6.91 2.71
CA SER A 103 7.29 -5.85 2.10
C SER A 103 7.80 -6.30 0.76
N LEU A 104 8.09 -5.31 -0.09
CA LEU A 104 8.69 -5.55 -1.40
C LEU A 104 10.20 -5.80 -1.27
N GLY A 105 10.75 -6.47 -2.28
CA GLY A 105 12.17 -6.73 -2.35
C GLY A 105 12.62 -7.88 -1.48
N SER A 106 13.88 -7.88 -1.12
CA SER A 106 14.43 -8.93 -0.28
C SER A 106 15.71 -8.42 0.34
N LYS A 107 16.12 -9.10 1.40
CA LYS A 107 17.06 -8.57 2.36
C LYS A 107 18.30 -8.00 1.70
N LEU A 108 18.65 -6.79 2.11
CA LEU A 108 19.91 -6.20 1.69
C LEU A 108 21.07 -6.87 2.42
N ASN A 109 22.17 -7.09 1.70
CA ASN A 109 23.45 -7.51 2.30
C ASN A 109 23.98 -6.40 3.25
N PRO A 110 23.95 -6.64 4.57
CA PRO A 110 24.47 -5.59 5.46
C PRO A 110 26.00 -5.47 5.41
N LYS A 111 26.68 -6.50 4.89
CA LYS A 111 28.12 -6.50 4.77
C LYS A 111 28.56 -5.88 3.42
N GLY A 112 29.80 -5.41 3.37
CA GLY A 112 30.40 -4.95 2.11
C GLY A 112 30.75 -6.18 1.28
N THR A 113 30.99 -5.96 -0.02
CA THR A 113 31.18 -7.07 -0.97
C THR A 113 32.52 -6.97 -1.71
N LEU A 114 33.46 -6.20 -1.17
CA LEU A 114 34.77 -6.04 -1.84
C LEU A 114 35.53 -7.36 -1.95
N LYS A 115 35.53 -8.15 -0.88
CA LYS A 115 36.20 -9.44 -0.92
C LYS A 115 35.53 -10.42 -1.86
N GLU A 116 34.22 -10.30 -2.07
CA GLU A 116 33.59 -11.17 -3.06
C GLU A 116 33.94 -10.71 -4.47
N GLN A 117 33.98 -9.39 -4.70
CA GLN A 117 34.25 -8.88 -6.04
C GLN A 117 35.69 -8.95 -6.54
N ILE A 118 36.65 -9.27 -5.68
CA ILE A 118 37.99 -9.51 -6.17
C ILE A 118 38.22 -11.01 -6.36
N GLY A 119 38.44 -11.44 -7.60
CA GLY A 119 38.42 -12.87 -7.93
C GLY A 119 39.40 -13.69 -7.11
N PHE A 120 40.62 -13.20 -6.94
CA PHE A 120 41.61 -13.98 -6.22
C PHE A 120 41.49 -14.00 -4.69
N ILE A 121 40.50 -13.34 -4.09
CA ILE A 121 40.39 -13.31 -2.61
C ILE A 121 39.39 -14.38 -2.14
N THR B 1 -10.98 17.47 -3.65
CA THR B 1 -10.43 17.44 -5.05
C THR B 1 -10.82 16.16 -5.79
N ILE B 2 -11.88 16.28 -6.59
CA ILE B 2 -12.36 15.21 -7.45
C ILE B 2 -11.66 15.43 -8.77
N PRO B 3 -10.90 14.46 -9.27
CA PRO B 3 -10.21 14.68 -10.55
C PRO B 3 -11.17 14.85 -11.73
N GLY B 4 -11.01 15.94 -12.49
CA GLY B 4 -11.98 16.32 -13.53
C GLY B 4 -11.62 15.89 -14.92
N ASN B 5 -10.50 15.22 -15.07
CA ASN B 5 -10.09 14.61 -16.35
C ASN B 5 -9.06 13.50 -16.02
N PHE B 6 -8.75 12.70 -17.03
CA PHE B 6 -7.83 11.59 -16.92
C PHE B 6 -6.45 12.00 -16.36
N ALA B 7 -5.88 13.07 -16.89
CA ALA B 7 -4.58 13.54 -16.43
C ALA B 7 -4.57 13.92 -14.96
N ALA B 8 -5.59 14.64 -14.48
CA ALA B 8 -5.72 14.90 -13.06
C ALA B 8 -5.80 13.60 -12.23
N TYR B 9 -6.47 12.57 -12.72
CA TYR B 9 -6.52 11.32 -11.99
C TYR B 9 -5.08 10.73 -11.96
N HIS B 10 -4.39 10.76 -13.09
CA HIS B 10 -3.04 10.19 -13.16
C HIS B 10 -2.06 10.90 -12.22
N GLU B 11 -2.17 12.22 -12.10
CA GLU B 11 -1.42 12.97 -11.12
C GLU B 11 -1.63 12.44 -9.68
N LEU B 12 -2.88 12.16 -9.31
CA LEU B 12 -3.17 11.58 -7.98
C LEU B 12 -2.54 10.20 -7.88
N TRP B 13 -2.69 9.42 -8.94
CA TRP B 13 -2.16 8.06 -8.94
C TRP B 13 -0.62 8.08 -8.79
N ARG B 14 0.05 9.00 -9.51
CA ARG B 14 1.48 9.10 -9.41
C ARG B 14 1.96 9.37 -7.99
N ASN B 15 1.29 10.27 -7.29
CA ASN B 15 1.65 10.58 -5.90
C ASN B 15 1.44 9.37 -4.99
N ALA B 16 0.39 8.60 -5.25
CA ALA B 16 0.16 7.41 -4.45
C ALA B 16 1.27 6.40 -4.76
N PHE B 17 1.56 6.21 -6.05
CA PHE B 17 2.58 5.29 -6.51
C PHE B 17 3.94 5.55 -5.87
N GLN B 18 4.36 6.80 -5.91
CA GLN B 18 5.66 7.14 -5.40
C GLN B 18 5.73 6.83 -3.90
N GLU B 19 4.69 7.18 -3.18
CA GLU B 19 4.64 6.90 -1.75
C GLU B 19 4.74 5.40 -1.41
N ILE B 20 4.02 4.57 -2.12
CA ILE B 20 4.13 3.13 -1.94
C ILE B 20 5.58 2.72 -2.21
N MSE B 21 6.12 3.15 -3.35
CA MSE B 21 7.46 2.68 -3.73
C MSE B 21 8.50 3.21 -2.79
O MSE B 21 9.53 2.58 -2.62
CB MSE B 21 7.85 3.11 -5.14
CG MSE B 21 7.01 2.53 -6.26
SE MSE B 21 6.47 0.63 -6.13
CE MSE B 21 8.27 -0.13 -5.98
N ASN B 22 8.30 4.38 -2.20
CA ASN B 22 9.25 4.96 -1.25
C ASN B 22 9.14 4.46 0.19
N ASP B 23 8.13 3.65 0.47
CA ASP B 23 7.90 3.22 1.81
C ASP B 23 9.17 2.60 2.45
N PRO B 24 9.59 3.08 3.65
CA PRO B 24 10.82 2.52 4.20
C PRO B 24 10.75 1.01 4.49
N ARG B 25 9.55 0.42 4.60
CA ARG B 25 9.52 -1.03 4.85
C ARG B 25 10.08 -1.88 3.69
N HIS B 26 10.15 -1.35 2.47
CA HIS B 26 10.54 -2.22 1.35
C HIS B 26 12.02 -2.45 1.37
N GLN B 27 12.45 -3.64 0.99
CA GLN B 27 13.87 -3.95 1.00
C GLN B 27 14.38 -3.71 -0.40
N LEU B 28 14.48 -2.42 -0.72
CA LEU B 28 14.80 -1.95 -2.07
C LEU B 28 15.82 -0.85 -1.96
N HIS B 29 16.86 -0.91 -2.79
CA HIS B 29 17.98 0.00 -2.69
C HIS B 29 18.48 0.39 -4.07
N ARG B 30 18.99 1.62 -4.16
CA ARG B 30 19.59 2.15 -5.38
C ARG B 30 20.51 1.16 -6.10
N ASN B 31 21.31 0.44 -5.33
CA ASN B 31 22.29 -0.51 -5.88
C ASN B 31 21.76 -1.90 -6.19
N ASP B 32 20.49 -2.17 -5.89
CA ASP B 32 19.89 -3.42 -6.34
C ASP B 32 20.01 -3.52 -7.83
N VAL B 33 20.05 -4.73 -8.32
CA VAL B 33 19.97 -4.95 -9.74
C VAL B 33 18.58 -4.56 -10.24
N GLU B 34 18.56 -4.13 -11.49
CA GLU B 34 17.36 -3.60 -12.09
C GLU B 34 16.20 -4.58 -12.07
N TYR B 35 16.46 -5.85 -12.26
CA TYR B 35 15.38 -6.84 -12.32
C TYR B 35 14.58 -6.84 -11.02
N LYS B 36 15.26 -6.70 -9.90
CA LYS B 36 14.59 -6.69 -8.60
C LYS B 36 13.70 -5.44 -8.49
N LYS B 37 14.20 -4.30 -8.95
CA LYS B 37 13.43 -3.09 -8.95
C LYS B 37 12.17 -3.18 -9.86
N ILE B 38 12.33 -3.79 -11.02
CA ILE B 38 11.28 -3.92 -11.99
C ILE B 38 10.23 -4.87 -11.44
N HIS B 39 10.67 -5.94 -10.81
CA HIS B 39 9.72 -6.90 -10.23
C HIS B 39 8.87 -6.32 -9.11
N ALA B 40 9.49 -5.49 -8.25
CA ALA B 40 8.77 -4.77 -7.19
C ALA B 40 7.74 -3.82 -7.78
N ILE B 41 8.16 -3.06 -8.79
CA ILE B 41 7.24 -2.14 -9.48
C ILE B 41 6.10 -2.94 -10.10
N ARG B 42 6.44 -4.00 -10.80
CA ARG B 42 5.40 -4.84 -11.38
C ARG B 42 4.38 -5.39 -10.38
N THR B 43 4.88 -5.80 -9.23
CA THR B 43 4.04 -6.36 -8.17
C THR B 43 2.99 -5.33 -7.69
N VAL B 44 3.43 -4.11 -7.52
CA VAL B 44 2.54 -3.03 -7.15
C VAL B 44 1.52 -2.64 -8.25
N LEU B 45 1.97 -2.56 -9.49
CA LEU B 45 1.09 -2.30 -10.63
C LEU B 45 0.06 -3.43 -10.74
N ASP B 46 0.50 -4.67 -10.61
CA ASP B 46 -0.41 -5.78 -10.86
C ASP B 46 -1.47 -5.78 -9.76
N ASP B 47 -1.07 -5.50 -8.52
CA ASP B 47 -2.05 -5.38 -7.45
C ASP B 47 -3.07 -4.24 -7.73
N TYR B 48 -2.59 -3.10 -8.23
CA TYR B 48 -3.43 -1.97 -8.64
C TYR B 48 -4.51 -2.41 -9.62
N THR B 49 -4.15 -3.26 -10.57
CA THR B 49 -5.13 -3.75 -11.59
C THR B 49 -6.08 -4.77 -11.01
N LYS B 50 -5.80 -5.30 -9.83
CA LYS B 50 -6.71 -6.23 -9.18
C LYS B 50 -7.49 -5.62 -8.02
N GLY B 51 -7.68 -4.31 -7.99
CA GLY B 51 -8.41 -3.72 -6.86
C GLY B 51 -7.57 -3.14 -5.72
N GLY B 52 -6.25 -3.34 -5.74
CA GLY B 52 -5.37 -2.66 -4.82
C GLY B 52 -5.43 -3.13 -3.37
N ASN B 53 -5.87 -4.36 -3.17
CA ASN B 53 -6.04 -4.87 -1.83
C ASN B 53 -4.77 -5.06 -1.00
N THR B 54 -3.63 -5.30 -1.64
CA THR B 54 -2.44 -5.66 -0.93
C THR B 54 -1.56 -4.44 -0.67
N TRP B 55 -1.38 -3.57 -1.66
CA TRP B 55 -0.41 -2.45 -1.58
C TRP B 55 -1.05 -1.09 -1.58
N TRP B 56 -2.33 -1.00 -1.95
CA TRP B 56 -2.97 0.30 -2.16
C TRP B 56 -4.03 0.68 -1.14
N ALA B 57 -4.06 0.07 0.03
CA ALA B 57 -5.18 0.25 0.93
C ALA B 57 -5.31 1.69 1.44
N LYS B 58 -4.17 2.33 1.63
CA LYS B 58 -4.13 3.67 2.09
C LYS B 58 -4.70 4.64 1.04
N PHE B 59 -4.76 4.23 -0.23
CA PHE B 59 -5.20 5.08 -1.34
C PHE B 59 -6.44 4.57 -2.04
N ARG B 60 -7.17 3.69 -1.36
N ARG B 60 -7.18 3.70 -1.37
CA ARG B 60 -8.37 3.05 -1.88
CA ARG B 60 -8.34 3.04 -1.95
C ARG B 60 -9.38 4.05 -2.47
C ARG B 60 -9.40 4.03 -2.46
N ARG B 61 -9.40 5.26 -1.93
CA ARG B 61 -10.32 6.33 -2.39
C ARG B 61 -10.23 6.62 -3.89
N ILE B 62 -9.02 6.49 -4.46
CA ILE B 62 -8.84 6.75 -5.91
C ILE B 62 -9.54 5.72 -6.77
N PHE B 63 -9.81 4.55 -6.25
CA PHE B 63 -10.48 3.56 -7.05
C PHE B 63 -11.97 3.89 -7.31
N THR B 64 -12.56 4.81 -6.56
CA THR B 64 -13.95 5.19 -6.78
C THR B 64 -14.09 6.20 -7.91
N PHE B 65 -13.03 6.97 -8.20
CA PHE B 65 -13.09 7.99 -9.22
C PHE B 65 -13.38 7.39 -10.60
N HIS B 66 -14.19 8.11 -11.38
CA HIS B 66 -14.55 7.65 -12.71
C HIS B 66 -13.38 7.19 -13.55
N TRP B 67 -12.25 7.90 -13.48
CA TRP B 67 -11.10 7.64 -14.36
C TRP B 67 -10.39 6.32 -14.05
N ASN B 68 -10.66 5.74 -12.88
CA ASN B 68 -9.94 4.59 -12.41
C ASN B 68 -10.00 3.43 -13.40
N ARG B 69 -11.18 3.13 -13.91
CA ARG B 69 -11.30 1.97 -14.74
C ARG B 69 -10.50 2.05 -16.04
N HIS B 70 -10.49 3.19 -16.71
CA HIS B 70 -9.66 3.26 -17.89
C HIS B 70 -8.16 3.28 -17.51
N HIS B 71 -7.81 3.92 -16.41
CA HIS B 71 -6.39 4.02 -16.00
C HIS B 71 -5.85 2.60 -15.68
N VAL B 72 -6.65 1.80 -14.99
CA VAL B 72 -6.36 0.40 -14.72
C VAL B 72 -6.12 -0.37 -16.00
N LYS B 73 -6.96 -0.21 -17.02
CA LYS B 73 -6.66 -0.82 -18.33
C LYS B 73 -5.28 -0.45 -18.92
N VAL B 74 -4.90 0.80 -18.84
CA VAL B 74 -3.62 1.19 -19.37
C VAL B 74 -2.52 0.58 -18.52
N VAL B 75 -2.73 0.54 -17.19
CA VAL B 75 -1.69 -0.03 -16.34
C VAL B 75 -1.57 -1.53 -16.62
N ASP B 76 -2.68 -2.20 -16.85
CA ASP B 76 -2.66 -3.58 -17.23
C ASP B 76 -1.85 -3.85 -18.51
N ASP B 77 -1.98 -2.99 -19.51
CA ASP B 77 -1.09 -3.02 -20.68
C ASP B 77 0.39 -2.91 -20.33
N ILE B 78 0.71 -2.01 -19.41
CA ILE B 78 2.11 -1.87 -18.98
C ILE B 78 2.66 -3.12 -18.25
N VAL B 79 1.83 -3.76 -17.43
CA VAL B 79 2.21 -5.02 -16.79
C VAL B 79 2.47 -6.07 -17.88
N LYS B 80 1.71 -6.07 -18.96
CA LYS B 80 1.93 -7.03 -20.05
C LYS B 80 3.25 -6.75 -20.77
N GLU B 81 3.58 -5.48 -20.95
CA GLU B 81 4.87 -5.05 -21.48
C GLU B 81 5.99 -5.51 -20.60
N ILE B 82 5.79 -5.47 -19.29
CA ILE B 82 6.83 -5.93 -18.38
C ILE B 82 7.03 -7.43 -18.54
N ASP B 83 5.92 -8.16 -18.52
CA ASP B 83 5.99 -9.61 -18.71
C ASP B 83 6.62 -10.04 -20.04
N ALA B 84 6.43 -9.25 -21.09
CA ALA B 84 6.99 -9.53 -22.40
C ALA B 84 8.49 -9.23 -22.44
N GLY B 85 9.01 -8.61 -21.41
CA GLY B 85 10.39 -8.25 -21.28
C GLY B 85 10.80 -6.92 -21.89
N ASN B 86 9.88 -5.96 -22.04
CA ASN B 86 10.23 -4.67 -22.68
C ASN B 86 11.11 -3.70 -21.87
N TYR B 87 11.30 -3.95 -20.59
CA TYR B 87 12.09 -3.02 -19.78
C TYR B 87 13.33 -3.66 -19.23
N THR B 88 14.48 -3.05 -19.46
CA THR B 88 15.70 -3.50 -18.83
C THR B 88 16.11 -2.63 -17.61
N THR B 89 15.57 -1.42 -17.52
CA THR B 89 15.86 -0.54 -16.39
C THR B 89 14.56 -0.12 -15.73
N SER B 90 14.65 0.10 -14.42
CA SER B 90 13.52 0.59 -13.65
C SER B 90 13.23 2.00 -14.07
N ARG B 91 14.30 2.74 -14.39
CA ARG B 91 14.19 4.12 -14.90
C ARG B 91 13.22 4.23 -16.10
N ALA B 92 13.33 3.32 -17.07
CA ALA B 92 12.50 3.41 -18.28
C ALA B 92 11.09 2.98 -17.98
N LEU B 93 10.95 2.04 -17.04
CA LEU B 93 9.61 1.68 -16.60
C LEU B 93 8.90 2.87 -15.90
N VAL B 94 9.62 3.54 -15.04
CA VAL B 94 9.02 4.65 -14.30
C VAL B 94 8.67 5.84 -15.20
N ASP B 95 9.50 6.07 -16.22
CA ASP B 95 9.22 7.04 -17.28
C ASP B 95 7.95 6.67 -18.00
N ARG B 96 7.75 5.40 -18.35
CA ARG B 96 6.54 4.96 -19.02
C ARG B 96 5.37 5.31 -18.14
N LEU B 97 5.46 5.02 -16.85
CA LEU B 97 4.37 5.32 -15.95
C LEU B 97 4.16 6.81 -15.79
N ASP B 98 5.23 7.57 -15.68
CA ASP B 98 5.11 9.02 -15.61
C ASP B 98 4.34 9.58 -16.81
N ASN B 99 4.69 9.10 -18.00
CA ASN B 99 4.17 9.67 -19.23
C ASN B 99 2.90 9.03 -19.72
N LEU B 100 2.31 8.20 -18.90
CA LEU B 100 1.14 7.42 -19.28
C LEU B 100 -0.02 8.22 -19.89
N ALA B 101 -0.37 9.37 -19.27
CA ALA B 101 -1.49 10.14 -19.75
C ALA B 101 -1.12 10.95 -21.02
N ILE B 102 0.08 11.50 -21.05
CA ILE B 102 0.55 12.27 -22.20
C ILE B 102 0.59 11.37 -23.40
N SER B 103 1.22 10.21 -23.27
CA SER B 103 1.25 9.15 -24.32
C SER B 103 -0.10 8.74 -24.91
N LEU B 104 -1.19 8.96 -24.18
CA LEU B 104 -2.54 8.94 -24.74
C LEU B 104 -2.92 10.34 -25.21
N GLY B 112 -6.07 24.75 -37.03
CA GLY B 112 -7.00 24.54 -35.92
C GLY B 112 -8.40 24.09 -36.35
N THR B 113 -9.45 24.53 -35.64
CA THR B 113 -10.81 24.19 -36.08
C THR B 113 -11.15 24.85 -37.41
N LEU B 114 -12.21 24.32 -38.01
CA LEU B 114 -12.73 24.89 -39.24
C LEU B 114 -13.20 26.36 -39.10
N LYS B 115 -13.87 26.70 -37.99
CA LYS B 115 -14.22 28.12 -37.70
C LYS B 115 -13.02 29.06 -37.83
N GLU B 116 -11.88 28.68 -37.27
CA GLU B 116 -10.69 29.52 -37.24
C GLU B 116 -10.06 29.63 -38.62
N GLN B 117 -10.26 28.65 -39.49
CA GLN B 117 -9.63 28.65 -40.81
C GLN B 117 -10.41 29.40 -41.89
N ILE B 118 -11.73 29.55 -41.71
CA ILE B 118 -12.58 30.20 -42.71
C ILE B 118 -12.66 31.66 -42.36
N GLY B 119 -12.23 32.53 -43.27
CA GLY B 119 -12.05 33.95 -42.95
C GLY B 119 -13.36 34.61 -42.52
N PHE B 120 -14.46 34.25 -43.17
CA PHE B 120 -15.75 34.89 -42.91
C PHE B 120 -16.48 34.48 -41.63
N ILE B 121 -15.91 33.57 -40.84
CA ILE B 121 -16.51 33.13 -39.58
C ILE B 121 -15.63 33.65 -38.45
N LYS B 122 -16.24 34.39 -37.52
CA LYS B 122 -15.52 35.39 -36.68
C LYS B 122 -15.06 34.82 -35.35
#